data_4FTD
#
_entry.id   4FTD
#
_cell.length_a   139.428
_cell.length_b   60.391
_cell.length_c   81.109
_cell.angle_alpha   90.000
_cell.angle_beta   91.450
_cell.angle_gamma   90.000
#
_symmetry.space_group_name_H-M   'C 1 2 1'
#
loop_
_entity.id
_entity.type
_entity.pdbx_description
1 polymer 'Uncharacterized protein'
2 non-polymer GLYCEROL
3 water water
#
_entity_poly.entity_id   1
_entity_poly.type   'polypeptide(L)'
_entity_poly.pdbx_seq_one_letter_code
;GDEDYPKSHIEPYDTELLSIKILNAGANGDKVVEGTIDEAKKTINFPRLDVETDFSALSIEAELSEGAALQSEV(MSE)D
YS(MSE)DAETNEKTQVLRIINHNRYKDYL(MSE)KVRKRVPVFGADFEKPTVYNFSGDNIYSDFATNYTRCASYDGEHV
LVVSRPTTPNFHTPHLLKVSDLKRGEIKPI(MSE)LDVTGVKGGTYDYN(MSE)GALINGHVYLSSLSGGKVSPFKIYYW
ETPTSNPEVIANINVGNIPGAGNRHGDNASYNIDENGNGFIFFGDNAATEFLKVPISGHKTVDIGNIKVLPSKSDAT
(MSE)VTNVYRVGDTDQYLWSGIRVPVTLVDESLGEKYKSKIAGEAVAPKVVTFNEERYLLVCTAGQGAASKASIALEVY
DLTKGETIEDALKKFDEGENHNPIYQFKLGGSGNGNALAQTDYYIEKDENGKDAKLCLFASRTQSGFVICEFPIKQEE
(MSE)D
;
_entity_poly.pdbx_strand_id   A
#
# COMPACT_ATOMS: atom_id res chain seq x y z
N ASP A 14 40.28 40.57 14.07
CA ASP A 14 39.94 39.13 13.91
C ASP A 14 39.09 38.99 12.65
N THR A 15 37.95 39.68 12.67
CA THR A 15 36.93 39.78 11.60
C THR A 15 36.10 38.52 11.28
N GLU A 16 35.20 38.18 12.20
CA GLU A 16 34.27 37.06 12.01
C GLU A 16 32.89 37.25 12.63
N LEU A 17 31.96 36.44 12.13
CA LEU A 17 30.56 36.45 12.51
C LEU A 17 30.42 35.37 13.53
N LEU A 18 30.15 35.77 14.77
CA LEU A 18 30.01 34.84 15.92
C LEU A 18 28.57 34.28 16.06
N SER A 19 27.54 35.06 15.73
CA SER A 19 26.15 34.55 15.73
C SER A 19 25.29 35.46 14.87
N ILE A 20 24.17 34.94 14.39
CA ILE A 20 23.29 35.69 13.51
C ILE A 20 21.85 35.15 13.65
N LYS A 21 20.91 36.07 13.61
CA LYS A 21 19.49 35.75 13.60
C LYS A 21 18.75 36.64 12.64
N ILE A 22 17.71 36.07 12.06
CA ILE A 22 16.70 36.82 11.29
C ILE A 22 15.62 37.17 12.33
N LEU A 23 15.25 38.43 12.42
CA LEU A 23 14.30 38.87 13.45
C LEU A 23 12.84 38.89 12.97
N ASN A 24 12.61 38.82 11.66
CA ASN A 24 11.26 39.07 11.13
C ASN A 24 10.75 38.03 10.11
N ALA A 25 10.92 36.75 10.44
CA ALA A 25 10.39 35.63 9.62
C ALA A 25 8.92 35.46 9.94
N GLY A 26 8.24 34.62 9.16
CA GLY A 26 6.84 34.30 9.35
C GLY A 26 5.90 35.25 8.69
N ALA A 27 4.63 34.82 8.56
CA ALA A 27 3.55 35.62 7.96
C ALA A 27 3.40 36.99 8.65
N ASN A 28 3.59 37.02 9.96
CA ASN A 28 3.47 38.23 10.75
C ASN A 28 4.77 38.98 11.00
N GLY A 29 5.86 38.56 10.36
CA GLY A 29 7.13 39.26 10.40
C GLY A 29 7.69 39.41 11.80
N ASP A 30 7.44 38.42 12.66
CA ASP A 30 7.80 38.50 14.05
C ASP A 30 8.46 37.21 14.60
N LYS A 31 8.94 36.31 13.74
CA LYS A 31 9.63 35.12 14.23
C LYS A 31 11.15 35.32 14.17
N VAL A 32 11.82 35.11 15.30
CA VAL A 32 13.26 35.24 15.41
C VAL A 32 13.79 33.85 15.10
N VAL A 33 14.70 33.72 14.12
CA VAL A 33 15.24 32.45 13.65
C VAL A 33 16.78 32.51 13.68
N GLU A 34 17.37 31.59 14.42
CA GLU A 34 18.80 31.54 14.63
C GLU A 34 19.49 30.89 13.41
N GLY A 35 20.63 31.45 13.01
CA GLY A 35 21.44 30.91 11.93
C GLY A 35 22.54 29.99 12.41
N THR A 36 23.00 29.11 11.53
CA THR A 36 24.15 28.25 11.77
C THR A 36 25.30 28.73 10.87
N ILE A 37 26.44 29.07 11.49
CA ILE A 37 27.62 29.57 10.80
C ILE A 37 28.66 28.48 10.68
N ASP A 38 29.10 28.18 9.47
CA ASP A 38 30.22 27.27 9.25
C ASP A 38 31.39 28.15 8.87
N GLU A 39 32.27 28.42 9.84
CA GLU A 39 33.38 29.36 9.62
C GLU A 39 34.41 28.90 8.58
N ALA A 40 34.71 27.60 8.53
CA ALA A 40 35.69 27.08 7.58
C ALA A 40 35.17 27.25 6.15
N LYS A 41 33.87 26.97 5.97
CA LYS A 41 33.22 27.09 4.64
C LYS A 41 32.67 28.49 4.34
N LYS A 42 32.68 29.37 5.36
CA LYS A 42 32.15 30.73 5.22
CA LYS A 42 32.13 30.72 5.24
C LYS A 42 30.70 30.69 4.71
N THR A 43 29.85 29.91 5.37
CA THR A 43 28.44 29.82 5.01
C THR A 43 27.56 30.09 6.23
N ILE A 44 26.34 30.51 5.96
CA ILE A 44 25.35 30.73 6.97
C ILE A 44 24.07 30.07 6.48
N ASN A 45 23.46 29.25 7.32
CA ASN A 45 22.16 28.62 7.06
C ASN A 45 21.16 28.90 8.18
N PHE A 46 19.89 28.72 7.85
CA PHE A 46 18.78 28.87 8.77
C PHE A 46 17.81 27.73 8.55
N PRO A 47 17.00 27.42 9.56
CA PRO A 47 15.87 26.52 9.26
C PRO A 47 14.98 27.14 8.17
N ARG A 48 14.25 26.29 7.47
CA ARG A 48 13.40 26.76 6.38
C ARG A 48 12.32 27.68 6.96
N LEU A 49 12.03 28.76 6.25
CA LEU A 49 11.07 29.75 6.73
C LEU A 49 9.71 29.58 6.07
N ASP A 50 8.68 30.07 6.77
CA ASP A 50 7.32 30.01 6.25
C ASP A 50 7.28 30.71 4.93
N VAL A 51 6.58 30.09 3.97
CA VAL A 51 6.43 30.62 2.61
C VAL A 51 5.71 31.97 2.58
N GLU A 52 4.98 32.31 3.65
CA GLU A 52 4.31 33.61 3.78
C GLU A 52 5.24 34.75 4.29
N THR A 53 6.50 34.46 4.55
CA THR A 53 7.46 35.46 5.02
C THR A 53 7.72 36.49 3.96
N ASP A 54 7.79 37.77 4.35
CA ASP A 54 8.19 38.84 3.42
C ASP A 54 9.71 38.77 3.34
N PHE A 55 10.17 38.05 2.29
CA PHE A 55 11.60 37.81 2.03
C PHE A 55 12.32 39.02 1.44
N SER A 56 11.57 40.05 1.05
CA SER A 56 12.15 41.23 0.41
C SER A 56 12.96 42.14 1.34
N ALA A 57 12.66 42.11 2.65
CA ALA A 57 13.39 42.89 3.61
C ALA A 57 13.53 42.09 4.95
N LEU A 58 14.52 41.19 4.98
CA LEU A 58 14.81 40.43 6.21
C LEU A 58 15.75 41.27 7.11
N SER A 59 15.32 41.53 8.34
CA SER A 59 16.10 42.29 9.33
C SER A 59 16.91 41.24 10.11
N ILE A 60 18.19 41.51 10.30
CA ILE A 60 19.11 40.59 10.95
C ILE A 60 19.80 41.27 12.12
N GLU A 61 20.28 40.45 13.04
CA GLU A 61 21.06 40.90 14.17
C GLU A 61 22.20 39.93 14.32
N ALA A 62 23.39 40.46 14.55
CA ALA A 62 24.60 39.64 14.55
C ALA A 62 25.50 39.99 15.70
N GLU A 63 26.26 39.00 16.16
CA GLU A 63 27.39 39.26 17.06
C GLU A 63 28.65 39.06 16.20
N LEU A 64 29.55 40.03 16.26
CA LEU A 64 30.77 40.11 15.46
C LEU A 64 31.99 40.18 16.37
N SER A 65 33.18 40.17 15.78
CA SER A 65 34.44 40.36 16.50
C SER A 65 34.56 41.85 16.86
N GLU A 66 35.28 42.18 17.94
CA GLU A 66 35.47 43.58 18.38
C GLU A 66 35.85 44.43 17.15
N GLY A 67 35.11 45.49 16.91
CA GLY A 67 35.35 46.41 15.78
C GLY A 67 34.72 46.13 14.42
N ALA A 68 34.14 44.95 14.21
CA ALA A 68 33.57 44.59 12.89
C ALA A 68 32.12 45.10 12.77
N ALA A 69 31.73 45.55 11.58
CA ALA A 69 30.38 46.04 11.28
C ALA A 69 29.74 45.23 10.14
N LEU A 70 28.43 44.98 10.22
CA LEU A 70 27.66 44.49 9.08
C LEU A 70 27.57 45.62 8.02
N GLN A 71 27.63 45.25 6.74
CA GLN A 71 27.30 46.22 5.67
C GLN A 71 25.92 46.82 5.90
N SER A 72 24.97 45.95 6.24
CA SER A 72 23.56 46.35 6.39
C SER A 72 22.88 45.38 7.35
N GLU A 73 21.80 45.85 7.98
CA GLU A 73 20.98 45.05 8.89
C GLU A 73 19.76 44.51 8.22
N VAL A 74 19.56 44.86 6.93
CA VAL A 74 18.36 44.49 6.17
C VAL A 74 18.85 43.83 4.90
N ASP A 76 17.74 41.65 1.12
CA ASP A 76 16.69 41.37 0.14
C ASP A 76 16.86 39.95 -0.39
N TYR A 77 16.00 39.05 0.08
CA TYR A 77 15.97 37.66 -0.37
C TYR A 77 14.74 37.37 -1.25
N SER A 78 14.24 38.38 -1.96
CA SER A 78 13.15 38.22 -2.90
C SER A 78 13.39 37.00 -3.79
N ASP A 80 10.95 34.41 -6.63
CA ASP A 80 9.64 34.14 -7.25
C ASP A 80 8.96 32.92 -6.60
N ALA A 81 7.66 32.78 -6.79
CA ALA A 81 6.90 31.67 -6.16
C ALA A 81 7.48 30.27 -6.49
N GLU A 82 8.17 30.14 -7.63
CA GLU A 82 8.80 28.86 -8.03
C GLU A 82 10.03 28.46 -7.20
N THR A 83 10.81 29.45 -6.77
CA THR A 83 12.11 29.23 -6.12
C THR A 83 11.98 28.97 -4.64
N ASN A 84 12.63 27.92 -4.12
CA ASN A 84 12.64 27.62 -2.66
C ASN A 84 13.87 28.03 -1.86
N GLU A 85 14.90 28.53 -2.55
CA GLU A 85 16.08 29.04 -1.87
C GLU A 85 16.80 30.14 -2.64
N LYS A 86 17.55 30.96 -1.89
CA LYS A 86 18.33 32.04 -2.44
C LYS A 86 19.53 32.28 -1.52
N THR A 87 20.70 32.50 -2.11
CA THR A 87 21.95 32.83 -1.41
C THR A 87 22.33 34.29 -1.76
N GLN A 88 22.83 35.03 -0.77
CA GLN A 88 23.31 36.42 -0.88
C GLN A 88 24.63 36.46 -0.06
N VAL A 89 25.50 37.41 -0.36
CA VAL A 89 26.74 37.63 0.37
C VAL A 89 26.43 38.46 1.60
N LEU A 90 26.85 37.99 2.77
CA LEU A 90 26.84 38.79 3.99
C LEU A 90 28.28 39.17 4.23
N ARG A 91 28.55 40.48 4.15
CA ARG A 91 29.88 41.02 4.34
C ARG A 91 30.07 41.68 5.72
N ILE A 92 31.14 41.29 6.42
CA ILE A 92 31.52 41.95 7.66
C ILE A 92 32.84 42.69 7.41
N ILE A 93 32.94 43.89 7.96
CA ILE A 93 34.03 44.81 7.62
C ILE A 93 34.54 45.45 8.87
N ASN A 94 35.83 45.75 8.85
CA ASN A 94 36.40 46.67 9.82
C ASN A 94 37.43 47.70 9.21
N HIS A 95 38.25 48.28 10.07
CA HIS A 95 39.16 49.34 9.69
C HIS A 95 39.92 49.07 8.38
N ASN A 96 40.20 47.81 8.12
CA ASN A 96 40.87 47.50 6.88
C ASN A 96 40.75 46.04 6.41
N ARG A 97 39.81 45.30 6.96
CA ARG A 97 39.65 43.89 6.60
C ARG A 97 38.20 43.68 6.35
N TYR A 98 37.88 42.68 5.58
CA TYR A 98 36.50 42.31 5.36
C TYR A 98 36.46 40.81 5.14
N LYS A 99 35.28 40.23 5.30
CA LYS A 99 35.08 38.79 5.12
C LYS A 99 33.69 38.58 4.59
N ASP A 100 33.58 37.77 3.54
CA ASP A 100 32.30 37.46 2.91
C ASP A 100 31.82 36.04 3.28
N TYR A 101 30.57 35.96 3.73
CA TYR A 101 29.90 34.71 4.04
C TYR A 101 28.79 34.55 3.01
N LEU A 102 28.54 33.32 2.58
CA LEU A 102 27.44 32.99 1.68
C LEU A 102 26.25 32.58 2.54
N LYS A 104 22.41 31.53 2.96
CA LYS A 104 21.31 30.88 2.25
C LYS A 104 20.03 30.93 3.09
N VAL A 105 18.96 31.41 2.46
CA VAL A 105 17.62 31.41 3.06
C VAL A 105 16.74 30.49 2.20
N ARG A 106 15.96 29.64 2.88
CA ARG A 106 15.14 28.59 2.26
C ARG A 106 13.70 28.63 2.73
N LYS A 107 12.77 28.32 1.80
CA LYS A 107 11.34 28.24 2.08
C LYS A 107 11.03 26.83 2.55
N ARG A 108 10.01 26.71 3.40
CA ARG A 108 9.49 25.39 3.76
C ARG A 108 8.86 24.74 2.54
N VAL A 109 9.01 23.42 2.45
CA VAL A 109 8.50 22.63 1.34
C VAL A 109 7.57 21.58 1.96
N PRO A 110 6.26 21.64 1.68
CA PRO A 110 5.36 20.62 2.21
C PRO A 110 5.67 19.25 1.65
N VAL A 111 5.42 18.21 2.42
CA VAL A 111 5.68 16.84 2.01
C VAL A 111 4.40 16.02 2.19
N PHE A 112 4.25 14.99 1.37
CA PHE A 112 3.04 14.20 1.31
C PHE A 112 3.30 12.71 1.26
N GLY A 113 2.27 11.94 1.56
CA GLY A 113 2.32 10.51 1.49
C GLY A 113 3.01 9.85 2.66
N ALA A 114 3.35 8.58 2.47
CA ALA A 114 4.03 7.76 3.45
C ALA A 114 5.54 7.93 3.32
N ASP A 115 6.24 7.75 4.42
CA ASP A 115 7.68 7.75 4.40
C ASP A 115 8.14 6.29 4.34
N PHE A 116 8.42 5.85 3.12
CA PHE A 116 8.84 4.47 2.88
C PHE A 116 10.25 4.16 3.37
N GLU A 117 10.98 5.19 3.80
CA GLU A 117 12.32 5.01 4.40
C GLU A 117 12.24 4.63 5.90
N LYS A 118 11.04 4.61 6.48
CA LYS A 118 10.82 4.32 7.90
C LYS A 118 9.81 3.17 8.13
N PRO A 119 10.03 2.00 7.48
CA PRO A 119 9.16 0.87 7.70
C PRO A 119 9.27 0.29 9.10
N THR A 120 8.15 -0.12 9.67
CA THR A 120 8.14 -0.97 10.87
C THR A 120 7.54 -2.25 10.35
N VAL A 121 8.33 -3.31 10.39
CA VAL A 121 7.95 -4.60 9.81
C VAL A 121 7.65 -5.66 10.87
N TYR A 122 6.51 -6.35 10.70
CA TYR A 122 6.16 -7.53 11.49
C TYR A 122 6.13 -8.66 10.48
N ASN A 123 7.20 -9.45 10.50
CA ASN A 123 7.46 -10.46 9.50
C ASN A 123 7.12 -11.88 9.88
N PHE A 124 6.27 -12.52 9.07
CA PHE A 124 5.91 -13.95 9.23
C PHE A 124 6.19 -14.69 7.92
N SER A 125 7.36 -14.39 7.36
CA SER A 125 7.86 -14.98 6.10
C SER A 125 9.32 -15.30 6.27
N GLY A 126 9.92 -15.91 5.23
CA GLY A 126 11.34 -16.21 5.17
C GLY A 126 11.69 -17.11 6.32
N ASP A 127 12.72 -16.74 7.07
CA ASP A 127 13.08 -17.46 8.29
C ASP A 127 12.01 -17.50 9.35
N ASN A 128 11.03 -16.62 9.33
CA ASN A 128 9.96 -16.69 10.31
C ASN A 128 8.60 -17.10 9.70
N ILE A 129 8.64 -17.86 8.59
CA ILE A 129 7.43 -18.27 7.83
C ILE A 129 6.33 -18.82 8.74
N TYR A 130 5.12 -18.25 8.68
CA TYR A 130 3.98 -18.76 9.46
C TYR A 130 3.78 -20.25 9.09
N SER A 131 3.75 -21.13 10.09
CA SER A 131 3.88 -22.60 9.85
C SER A 131 2.83 -23.15 8.88
N ASP A 132 1.59 -22.69 8.99
CA ASP A 132 0.53 -23.12 8.02
C ASP A 132 0.77 -22.73 6.58
N PHE A 133 1.50 -21.65 6.40
CA PHE A 133 1.97 -21.23 5.09
C PHE A 133 3.20 -21.92 4.53
N ALA A 134 3.71 -22.93 5.21
CA ALA A 134 4.82 -23.67 4.70
C ALA A 134 4.34 -24.77 3.76
N THR A 135 3.04 -25.01 3.60
CA THR A 135 2.54 -26.06 2.67
C THR A 135 1.52 -25.46 1.77
N ASN A 136 1.15 -26.18 0.71
CA ASN A 136 0.11 -25.68 -0.16
C ASN A 136 -1.29 -25.97 0.37
N TYR A 137 -1.41 -26.42 1.62
CA TYR A 137 -2.74 -26.55 2.26
C TYR A 137 -3.30 -25.22 2.76
N THR A 138 -2.51 -24.16 2.70
CA THR A 138 -3.01 -22.81 3.00
C THR A 138 -2.59 -21.94 1.83
N ARG A 139 -3.57 -21.39 1.13
CA ARG A 139 -3.34 -20.59 -0.11
C ARG A 139 -3.84 -19.17 -0.01
N CYS A 140 -4.31 -18.78 1.17
CA CYS A 140 -4.87 -17.47 1.34
C CYS A 140 -4.79 -16.97 2.76
N ALA A 141 -4.48 -15.70 2.89
CA ALA A 141 -4.51 -14.94 4.13
C ALA A 141 -5.01 -13.53 3.80
N SER A 142 -5.66 -12.89 4.76
CA SER A 142 -6.19 -11.56 4.60
C SER A 142 -5.98 -10.78 5.94
N TYR A 143 -6.03 -9.46 5.86
CA TYR A 143 -5.70 -8.57 6.99
C TYR A 143 -6.58 -7.35 6.95
N ASP A 144 -7.00 -6.86 8.11
CA ASP A 144 -7.77 -5.65 8.19
C ASP A 144 -7.29 -4.68 9.28
N GLY A 145 -6.11 -4.90 9.85
CA GLY A 145 -5.59 -4.04 10.91
C GLY A 145 -5.79 -4.62 12.30
N GLU A 146 -6.87 -5.37 12.49
CA GLU A 146 -7.21 -5.95 13.78
C GLU A 146 -6.80 -7.43 13.80
N HIS A 147 -7.09 -8.17 12.72
CA HIS A 147 -6.67 -9.56 12.61
C HIS A 147 -6.00 -9.86 11.28
N VAL A 148 -5.30 -10.97 11.27
CA VAL A 148 -4.90 -11.70 10.07
C VAL A 148 -5.76 -13.00 10.04
N LEU A 149 -6.42 -13.25 8.92
CA LEU A 149 -7.17 -14.48 8.64
C LEU A 149 -6.23 -15.40 7.86
N VAL A 150 -6.10 -16.66 8.33
CA VAL A 150 -5.30 -17.67 7.68
C VAL A 150 -6.26 -18.78 7.27
N VAL A 151 -6.39 -19.04 5.95
CA VAL A 151 -7.40 -19.98 5.45
C VAL A 151 -6.67 -21.32 5.33
N SER A 152 -6.39 -21.91 6.48
CA SER A 152 -5.67 -23.16 6.50
C SER A 152 -6.61 -24.38 6.43
N ARG A 153 -6.29 -25.29 5.52
CA ARG A 153 -6.95 -26.58 5.46
C ARG A 153 -6.06 -27.49 6.36
N PRO A 154 -6.70 -28.35 7.15
CA PRO A 154 -5.96 -29.10 8.15
C PRO A 154 -5.02 -30.15 7.54
N THR A 155 -3.78 -30.18 7.98
CA THR A 155 -2.82 -31.14 7.44
C THR A 155 -1.72 -31.38 8.46
N THR A 156 -0.99 -32.48 8.30
CA THR A 156 0.07 -32.80 9.24
C THR A 156 1.10 -31.67 9.29
N PRO A 157 1.66 -31.34 10.47
CA PRO A 157 1.37 -31.88 11.81
C PRO A 157 0.44 -30.99 12.66
N ASN A 158 0.03 -29.80 12.17
CA ASN A 158 -0.80 -28.83 12.91
C ASN A 158 -2.31 -29.21 12.92
N PHE A 159 -2.82 -29.69 11.79
CA PHE A 159 -4.26 -29.89 11.60
C PHE A 159 -5.06 -28.66 12.04
N HIS A 160 -4.64 -27.50 11.52
CA HIS A 160 -5.34 -26.21 11.76
C HIS A 160 -6.44 -25.99 10.72
N THR A 161 -7.62 -25.67 11.21
CA THR A 161 -8.74 -25.18 10.35
C THR A 161 -8.62 -23.63 10.30
N PRO A 162 -9.44 -22.95 9.47
CA PRO A 162 -9.26 -21.52 9.29
C PRO A 162 -9.37 -20.71 10.59
N HIS A 163 -8.49 -19.73 10.73
CA HIS A 163 -8.36 -19.04 11.96
C HIS A 163 -7.89 -17.61 11.80
N LEU A 164 -8.12 -16.85 12.86
CA LEU A 164 -7.67 -15.48 13.00
C LEU A 164 -6.49 -15.40 13.97
N LEU A 165 -5.64 -14.41 13.76
CA LEU A 165 -4.54 -14.08 14.62
C LEU A 165 -4.73 -12.60 14.92
N LYS A 166 -4.80 -12.25 16.18
CA LYS A 166 -4.96 -10.85 16.56
C LYS A 166 -3.63 -10.12 16.24
N VAL A 167 -3.71 -9.04 15.50
CA VAL A 167 -2.53 -8.26 15.14
C VAL A 167 -1.75 -7.75 16.38
N SER A 168 -2.44 -7.34 17.43
CA SER A 168 -1.73 -6.92 18.67
C SER A 168 -0.88 -8.06 19.25
N ASP A 169 -1.36 -9.31 19.15
CA ASP A 169 -0.54 -10.48 19.55
C ASP A 169 0.66 -10.69 18.63
N LEU A 170 0.43 -10.68 17.32
CA LEU A 170 1.52 -10.83 16.36
C LEU A 170 2.62 -9.75 16.48
N LYS A 171 2.27 -8.52 16.81
CA LYS A 171 3.26 -7.46 17.00
C LYS A 171 4.19 -7.78 18.18
N ARG A 172 3.71 -8.54 19.15
CA ARG A 172 4.50 -8.98 20.27
CA ARG A 172 4.51 -8.98 20.29
C ARG A 172 5.15 -10.35 19.99
N GLY A 173 5.07 -10.82 18.75
CA GLY A 173 5.62 -12.12 18.36
C GLY A 173 4.84 -13.32 18.88
N GLU A 174 3.60 -13.12 19.31
CA GLU A 174 2.82 -14.21 19.89
C GLU A 174 1.80 -14.72 18.86
N ILE A 175 1.88 -16.01 18.58
CA ILE A 175 0.95 -16.73 17.68
C ILE A 175 -0.08 -17.45 18.54
N LYS A 176 -1.30 -16.91 18.55
CA LYS A 176 -2.45 -17.42 19.30
C LYS A 176 -3.70 -17.51 18.39
N PRO A 177 -3.84 -18.65 17.68
CA PRO A 177 -4.94 -18.87 16.75
C PRO A 177 -6.31 -18.83 17.38
N ILE A 178 -7.20 -18.09 16.76
CA ILE A 178 -8.58 -18.01 17.17
C ILE A 178 -9.26 -18.81 16.07
N LEU A 180 -12.16 -20.28 13.78
CA LEU A 180 -13.52 -20.07 13.42
C LEU A 180 -14.34 -21.32 13.65
N ASP A 181 -15.62 -21.13 13.97
CA ASP A 181 -16.57 -22.23 14.00
C ASP A 181 -16.80 -22.69 12.57
N VAL A 182 -16.39 -23.93 12.24
CA VAL A 182 -16.54 -24.48 10.88
C VAL A 182 -17.56 -25.64 10.87
N THR A 183 -18.47 -25.68 11.84
CA THR A 183 -19.56 -26.71 11.84
C THR A 183 -20.38 -26.58 10.57
N GLY A 184 -20.51 -27.68 9.82
CA GLY A 184 -21.24 -27.65 8.53
C GLY A 184 -20.57 -26.96 7.37
N VAL A 185 -19.32 -26.51 7.54
CA VAL A 185 -18.58 -25.88 6.48
C VAL A 185 -17.90 -27.03 5.70
N LYS A 186 -18.66 -27.59 4.77
CA LYS A 186 -18.39 -28.80 4.01
C LYS A 186 -19.03 -28.74 2.62
N GLY A 187 -18.36 -29.33 1.64
CA GLY A 187 -18.85 -29.31 0.25
C GLY A 187 -17.86 -28.64 -0.70
N GLY A 188 -17.63 -29.31 -1.83
CA GLY A 188 -16.68 -28.86 -2.80
C GLY A 188 -15.47 -29.77 -2.75
N THR A 189 -14.64 -29.72 -3.79
CA THR A 189 -13.36 -30.43 -3.81
C THR A 189 -12.47 -30.04 -2.64
N TYR A 190 -12.43 -28.75 -2.30
CA TYR A 190 -11.89 -28.31 -1.01
C TYR A 190 -13.01 -27.62 -0.29
N ASP A 191 -13.10 -27.86 1.01
CA ASP A 191 -14.17 -27.23 1.80
C ASP A 191 -14.04 -25.69 1.82
N TYR A 192 -12.80 -25.23 1.82
CA TYR A 192 -12.46 -23.80 1.76
C TYR A 192 -11.06 -23.68 1.13
N ASN A 193 -10.82 -22.52 0.57
CA ASN A 193 -9.62 -22.22 -0.17
C ASN A 193 -9.30 -20.75 -0.13
N GLY A 195 -10.51 -16.62 0.93
CA GLY A 195 -11.41 -15.92 1.83
C GLY A 195 -10.93 -14.49 2.00
N ALA A 196 -11.55 -13.76 2.90
CA ALA A 196 -11.22 -12.37 3.10
C ALA A 196 -11.83 -11.91 4.43
N LEU A 197 -11.18 -10.92 5.00
CA LEU A 197 -11.68 -10.10 6.09
C LEU A 197 -12.16 -8.77 5.49
N ILE A 198 -13.43 -8.45 5.67
CA ILE A 198 -14.05 -7.26 5.09
C ILE A 198 -15.09 -6.77 6.07
N ASN A 199 -15.02 -5.49 6.45
CA ASN A 199 -16.00 -4.85 7.33
C ASN A 199 -16.09 -5.53 8.67
N GLY A 200 -15.01 -6.14 9.14
CA GLY A 200 -15.07 -6.91 10.37
C GLY A 200 -15.70 -8.31 10.26
N HIS A 201 -16.07 -8.73 9.05
CA HIS A 201 -16.66 -10.04 8.81
C HIS A 201 -15.65 -10.95 8.11
N VAL A 202 -15.85 -12.25 8.25
CA VAL A 202 -15.08 -13.23 7.52
C VAL A 202 -15.93 -13.84 6.41
N TYR A 203 -15.31 -13.95 5.24
CA TYR A 203 -15.86 -14.67 4.12
C TYR A 203 -14.91 -15.78 3.74
N LEU A 204 -15.43 -16.98 3.49
CA LEU A 204 -14.64 -18.05 2.88
C LEU A 204 -15.40 -18.63 1.70
N SER A 205 -14.67 -19.19 0.73
CA SER A 205 -15.27 -19.88 -0.38
C SER A 205 -14.62 -21.25 -0.58
N SER A 206 -15.41 -22.21 -1.05
CA SER A 206 -14.92 -23.54 -1.36
C SER A 206 -14.15 -23.53 -2.69
N LEU A 207 -13.57 -24.66 -3.01
CA LEU A 207 -12.98 -24.96 -4.31
C LEU A 207 -13.94 -25.97 -4.96
N SER A 208 -14.55 -25.55 -6.09
CA SER A 208 -15.42 -26.39 -6.87
C SER A 208 -14.62 -27.02 -7.99
N GLY A 209 -14.42 -28.33 -7.96
CA GLY A 209 -13.63 -29.05 -8.97
C GLY A 209 -14.34 -29.48 -10.25
N GLY A 210 -15.64 -29.18 -10.39
CA GLY A 210 -16.35 -29.54 -11.63
C GLY A 210 -17.72 -28.95 -11.53
N LYS A 211 -18.54 -29.19 -12.54
CA LYS A 211 -19.88 -28.62 -12.65
C LYS A 211 -20.80 -28.98 -11.50
N VAL A 212 -20.58 -30.17 -10.97
CA VAL A 212 -21.41 -30.75 -9.94
C VAL A 212 -20.86 -30.49 -8.51
N SER A 213 -19.63 -30.01 -8.41
CA SER A 213 -19.00 -29.76 -7.09
C SER A 213 -19.57 -28.45 -6.46
N PRO A 214 -20.13 -28.50 -5.23
CA PRO A 214 -20.67 -27.29 -4.62
C PRO A 214 -19.65 -26.13 -4.54
N PHE A 215 -20.06 -24.97 -5.02
CA PHE A 215 -19.30 -23.77 -4.93
C PHE A 215 -19.95 -22.86 -3.90
N LYS A 216 -19.46 -22.93 -2.68
CA LYS A 216 -20.11 -22.36 -1.52
C LYS A 216 -19.35 -21.19 -1.01
N ILE A 217 -20.08 -20.22 -0.48
CA ILE A 217 -19.55 -19.02 0.18
C ILE A 217 -20.18 -18.97 1.56
N TYR A 218 -19.31 -18.79 2.53
CA TYR A 218 -19.64 -18.73 3.92
C TYR A 218 -19.30 -17.36 4.52
N TYR A 219 -20.05 -17.01 5.58
CA TYR A 219 -19.95 -15.72 6.23
C TYR A 219 -19.98 -15.86 7.74
N TRP A 220 -19.09 -15.12 8.42
CA TRP A 220 -19.08 -15.00 9.86
C TRP A 220 -19.24 -13.53 10.20
N GLU A 221 -20.30 -13.21 10.92
CA GLU A 221 -20.58 -11.83 11.34
C GLU A 221 -19.45 -11.29 12.20
N THR A 222 -19.06 -12.10 13.18
CA THR A 222 -17.97 -11.81 14.08
C THR A 222 -17.12 -13.10 14.20
N PRO A 223 -15.91 -12.99 14.77
CA PRO A 223 -15.03 -14.16 14.95
C PRO A 223 -15.60 -15.32 15.73
N THR A 224 -16.53 -15.06 16.65
CA THR A 224 -17.11 -16.10 17.48
C THR A 224 -18.49 -16.55 16.98
N SER A 225 -18.93 -16.07 15.81
CA SER A 225 -20.29 -16.37 15.28
C SER A 225 -20.36 -17.78 14.70
N ASN A 226 -21.57 -18.32 14.58
CA ASN A 226 -21.81 -19.51 13.79
C ASN A 226 -21.59 -19.12 12.34
N PRO A 227 -21.11 -20.06 11.51
CA PRO A 227 -20.97 -19.80 10.11
C PRO A 227 -22.37 -19.70 9.44
N GLU A 228 -22.53 -18.88 8.40
CA GLU A 228 -23.74 -18.85 7.60
C GLU A 228 -23.37 -19.18 6.16
N VAL A 229 -24.09 -20.11 5.54
CA VAL A 229 -23.91 -20.36 4.12
C VAL A 229 -24.69 -19.24 3.43
N ILE A 230 -24.00 -18.42 2.65
CA ILE A 230 -24.64 -17.34 1.87
C ILE A 230 -24.72 -17.63 0.37
N ALA A 231 -24.03 -18.66 -0.10
CA ALA A 231 -24.18 -19.11 -1.50
C ALA A 231 -23.83 -20.56 -1.60
N ASN A 232 -24.52 -21.22 -2.52
CA ASN A 232 -24.29 -22.60 -2.90
C ASN A 232 -24.57 -22.67 -4.41
N ILE A 233 -23.56 -22.30 -5.18
CA ILE A 233 -23.66 -22.02 -6.59
C ILE A 233 -23.47 -23.33 -7.35
N ASN A 234 -24.47 -23.63 -8.15
CA ASN A 234 -24.45 -24.77 -9.05
C ASN A 234 -23.83 -24.27 -10.34
N VAL A 235 -22.55 -24.57 -10.54
CA VAL A 235 -21.79 -24.07 -11.68
C VAL A 235 -22.36 -24.62 -12.98
N GLY A 236 -22.91 -25.84 -12.92
CA GLY A 236 -23.52 -26.50 -14.05
C GLY A 236 -24.74 -25.75 -14.59
N ASN A 237 -25.39 -24.91 -13.78
CA ASN A 237 -26.53 -24.11 -14.21
C ASN A 237 -26.12 -22.72 -14.69
N ILE A 238 -24.81 -22.44 -14.87
CA ILE A 238 -24.35 -21.13 -15.37
C ILE A 238 -23.91 -21.28 -16.84
N PRO A 239 -24.73 -20.79 -17.80
CA PRO A 239 -24.25 -20.93 -19.20
C PRO A 239 -22.89 -20.24 -19.42
N GLY A 240 -21.95 -20.92 -20.08
CA GLY A 240 -20.62 -20.36 -20.36
C GLY A 240 -19.57 -20.54 -19.28
N ALA A 241 -19.95 -21.03 -18.09
CA ALA A 241 -18.98 -21.17 -17.02
C ALA A 241 -18.01 -22.29 -17.37
N GLY A 242 -16.79 -22.22 -16.86
CA GLY A 242 -15.82 -23.29 -17.00
C GLY A 242 -15.97 -24.37 -15.94
N ASN A 243 -14.93 -25.19 -15.85
CA ASN A 243 -14.97 -26.40 -15.04
C ASN A 243 -14.74 -26.23 -13.57
N ARG A 244 -13.67 -25.52 -13.25
CA ARG A 244 -13.22 -25.44 -11.87
C ARG A 244 -13.10 -23.99 -11.39
N HIS A 245 -13.73 -23.66 -10.25
CA HIS A 245 -13.72 -22.29 -9.65
C HIS A 245 -13.34 -22.31 -8.20
N GLY A 246 -12.72 -21.24 -7.74
CA GLY A 246 -12.31 -21.13 -6.35
C GLY A 246 -10.83 -21.16 -6.13
N ASP A 247 -10.03 -21.32 -7.18
CA ASP A 247 -8.59 -21.24 -6.99
C ASP A 247 -8.12 -19.85 -6.55
N ASN A 248 -8.82 -18.83 -7.03
CA ASN A 248 -8.57 -17.42 -6.79
C ASN A 248 -9.90 -16.78 -6.43
N ALA A 249 -9.86 -15.65 -5.75
CA ALA A 249 -11.03 -14.87 -5.45
C ALA A 249 -10.66 -13.43 -5.25
N SER A 250 -11.45 -12.53 -5.81
CA SER A 250 -11.30 -11.08 -5.52
C SER A 250 -12.61 -10.54 -4.94
N TYR A 251 -12.64 -10.46 -3.61
CA TYR A 251 -13.78 -9.96 -2.89
C TYR A 251 -13.73 -8.44 -2.89
N ASN A 252 -14.73 -7.81 -3.52
CA ASN A 252 -14.87 -6.35 -3.60
C ASN A 252 -16.20 -5.97 -2.91
N ILE A 253 -16.18 -5.71 -1.62
CA ILE A 253 -17.39 -5.45 -0.88
C ILE A 253 -17.15 -4.15 -0.13
N ASP A 254 -18.02 -3.18 -0.37
CA ASP A 254 -17.89 -1.82 0.17
C ASP A 254 -18.43 -1.74 1.62
N GLU A 255 -18.44 -0.54 2.18
CA GLU A 255 -18.79 -0.40 3.59
C GLU A 255 -20.25 -0.73 3.85
N ASN A 256 -21.10 -0.60 2.81
CA ASN A 256 -22.50 -1.00 2.92
C ASN A 256 -22.73 -2.48 2.61
N GLY A 257 -21.67 -3.26 2.40
CA GLY A 257 -21.83 -4.70 2.09
C GLY A 257 -22.26 -4.99 0.65
N ASN A 258 -21.97 -4.05 -0.23
CA ASN A 258 -22.31 -4.14 -1.65
C ASN A 258 -21.10 -4.25 -2.53
N GLY A 259 -21.20 -5.13 -3.52
CA GLY A 259 -20.18 -5.22 -4.55
C GLY A 259 -20.25 -6.54 -5.30
N PHE A 260 -19.08 -7.06 -5.62
CA PHE A 260 -18.95 -8.26 -6.48
C PHE A 260 -17.77 -9.10 -5.98
N ILE A 261 -17.88 -10.40 -6.10
CA ILE A 261 -16.77 -11.29 -5.91
C ILE A 261 -16.44 -11.85 -7.33
N PHE A 262 -15.18 -11.77 -7.71
CA PHE A 262 -14.73 -12.30 -8.99
C PHE A 262 -13.98 -13.61 -8.73
N PHE A 263 -14.37 -14.65 -9.47
CA PHE A 263 -13.76 -15.97 -9.33
C PHE A 263 -13.31 -16.45 -10.70
N GLY A 264 -12.00 -16.49 -10.94
CA GLY A 264 -11.51 -16.98 -12.25
C GLY A 264 -11.46 -18.50 -12.32
N ASP A 265 -11.79 -19.08 -13.45
CA ASP A 265 -11.72 -20.54 -13.57
C ASP A 265 -10.26 -20.97 -13.64
N ASN A 266 -10.02 -22.24 -13.32
CA ASN A 266 -8.66 -22.77 -13.29
C ASN A 266 -8.01 -22.63 -14.69
N ALA A 267 -8.77 -22.87 -15.74
CA ALA A 267 -8.25 -22.81 -17.13
C ALA A 267 -8.04 -21.37 -17.63
N ALA A 268 -8.48 -20.37 -16.87
CA ALA A 268 -8.35 -18.94 -17.24
C ALA A 268 -9.11 -18.63 -18.55
N THR A 269 -10.32 -19.18 -18.67
CA THR A 269 -11.23 -18.84 -19.78
C THR A 269 -12.19 -17.74 -19.37
N GLU A 270 -12.50 -17.61 -18.09
CA GLU A 270 -13.48 -16.63 -17.65
C GLU A 270 -13.34 -16.30 -16.19
N PHE A 271 -14.14 -15.32 -15.78
CA PHE A 271 -14.44 -15.01 -14.40
C PHE A 271 -15.94 -15.13 -14.21
N LEU A 272 -16.35 -15.65 -13.07
CA LEU A 272 -17.71 -15.53 -12.55
C LEU A 272 -17.70 -14.26 -11.73
N LYS A 273 -18.54 -13.30 -12.10
CA LYS A 273 -18.76 -12.07 -11.35
C LYS A 273 -20.03 -12.28 -10.50
N VAL A 274 -19.86 -12.44 -9.21
CA VAL A 274 -20.95 -12.81 -8.27
C VAL A 274 -21.40 -11.58 -7.46
N PRO A 275 -22.62 -11.07 -7.69
CA PRO A 275 -23.00 -9.87 -6.93
C PRO A 275 -23.38 -10.17 -5.49
N ILE A 276 -23.06 -9.22 -4.60
CA ILE A 276 -23.37 -9.34 -3.19
C ILE A 276 -23.92 -7.99 -2.74
N SER A 277 -24.96 -8.02 -1.91
CA SER A 277 -25.55 -6.83 -1.32
C SER A 277 -25.91 -7.08 0.14
N GLY A 278 -25.92 -6.00 0.90
CA GLY A 278 -26.22 -6.05 2.32
C GLY A 278 -25.34 -7.04 3.06
N HIS A 279 -24.08 -7.19 2.64
CA HIS A 279 -23.09 -8.04 3.26
C HIS A 279 -23.29 -9.55 3.08
N LYS A 280 -24.53 -10.04 3.00
CA LYS A 280 -24.81 -11.48 3.04
C LYS A 280 -25.65 -12.00 1.92
N THR A 281 -26.19 -11.14 1.05
CA THR A 281 -27.14 -11.60 0.04
C THR A 281 -26.45 -11.71 -1.30
N VAL A 282 -26.28 -12.94 -1.80
CA VAL A 282 -25.63 -13.23 -3.08
C VAL A 282 -26.75 -13.35 -4.14
N ASP A 283 -26.76 -12.47 -5.14
CA ASP A 283 -27.76 -12.49 -6.23
C ASP A 283 -27.43 -13.52 -7.33
N ILE A 284 -27.93 -14.76 -7.15
CA ILE A 284 -27.68 -15.87 -8.08
C ILE A 284 -28.22 -15.65 -9.48
N GLY A 285 -29.32 -14.91 -9.61
CA GLY A 285 -29.85 -14.56 -10.92
C GLY A 285 -29.02 -13.54 -11.70
N ASN A 286 -28.05 -12.87 -11.08
CA ASN A 286 -27.21 -11.92 -11.79
C ASN A 286 -25.73 -12.24 -11.82
N ILE A 287 -25.37 -13.50 -11.64
CA ILE A 287 -23.99 -13.92 -11.84
C ILE A 287 -23.73 -13.76 -13.32
N LYS A 288 -22.64 -13.09 -13.64
CA LYS A 288 -22.20 -12.89 -15.01
C LYS A 288 -20.91 -13.68 -15.28
N VAL A 289 -20.77 -14.18 -16.50
CA VAL A 289 -19.58 -14.91 -16.94
C VAL A 289 -18.84 -13.90 -17.82
N LEU A 290 -17.62 -13.52 -17.43
CA LEU A 290 -16.85 -12.50 -18.14
C LEU A 290 -15.66 -13.13 -18.81
N PRO A 291 -15.26 -12.63 -20.00
CA PRO A 291 -14.11 -13.23 -20.68
C PRO A 291 -12.78 -12.94 -19.98
N SER A 292 -11.94 -13.97 -19.86
CA SER A 292 -10.57 -13.81 -19.32
C SER A 292 -9.62 -14.25 -20.43
N LYS A 293 -8.38 -14.60 -20.10
CA LYS A 293 -7.47 -15.10 -21.18
C LYS A 293 -6.47 -15.98 -20.50
N SER A 294 -5.94 -16.97 -21.23
CA SER A 294 -5.08 -18.00 -20.64
C SER A 294 -3.87 -17.40 -19.91
N ASP A 295 -3.36 -16.27 -20.38
CA ASP A 295 -2.23 -15.60 -19.74
C ASP A 295 -2.51 -15.08 -18.32
N ALA A 296 -3.77 -14.94 -17.94
CA ALA A 296 -4.14 -14.59 -16.56
C ALA A 296 -3.72 -15.71 -15.62
N THR A 297 -3.87 -16.95 -16.08
CA THR A 297 -3.67 -18.18 -15.30
C THR A 297 -4.68 -18.28 -14.15
N VAL A 299 -3.77 -17.80 -11.09
CA VAL A 299 -3.30 -16.75 -10.16
C VAL A 299 -3.54 -15.40 -10.80
N THR A 300 -4.70 -14.83 -10.49
CA THR A 300 -5.19 -13.59 -11.13
C THR A 300 -6.23 -12.96 -10.19
N ASN A 301 -6.39 -11.64 -10.30
CA ASN A 301 -7.27 -10.89 -9.45
C ASN A 301 -7.80 -9.69 -10.15
N VAL A 302 -8.95 -9.24 -9.67
CA VAL A 302 -9.71 -8.10 -10.18
C VAL A 302 -10.20 -7.28 -8.96
N TYR A 303 -9.65 -6.09 -8.76
CA TYR A 303 -9.97 -5.25 -7.61
C TYR A 303 -10.37 -3.84 -7.99
N ARG A 304 -11.49 -3.42 -7.42
CA ARG A 304 -12.10 -2.11 -7.63
C ARG A 304 -11.16 -0.96 -7.24
N VAL A 305 -11.09 0.05 -8.08
CA VAL A 305 -10.33 1.26 -7.80
C VAL A 305 -11.22 2.19 -6.99
N GLY A 306 -10.90 2.36 -5.71
CA GLY A 306 -11.66 3.27 -4.85
C GLY A 306 -13.14 2.95 -4.81
N ASP A 307 -13.99 4.00 -4.92
CA ASP A 307 -15.42 3.79 -4.98
C ASP A 307 -15.88 4.11 -6.41
N THR A 308 -15.01 3.89 -7.40
CA THR A 308 -15.33 4.16 -8.82
C THR A 308 -15.89 2.92 -9.52
N ASP A 309 -16.30 3.07 -10.77
CA ASP A 309 -16.84 1.92 -11.55
C ASP A 309 -15.74 1.17 -12.36
N GLN A 310 -14.46 1.41 -12.06
CA GLN A 310 -13.34 0.74 -12.73
C GLN A 310 -12.54 -0.13 -11.77
N TYR A 311 -11.82 -1.09 -12.35
CA TYR A 311 -11.12 -2.15 -11.61
C TYR A 311 -9.74 -2.34 -12.21
N LEU A 312 -8.85 -2.97 -11.43
CA LEU A 312 -7.54 -3.32 -11.94
C LEU A 312 -7.52 -4.85 -12.00
N TRP A 313 -7.16 -5.37 -13.16
CA TRP A 313 -7.01 -6.80 -13.37
C TRP A 313 -5.55 -7.09 -13.65
N SER A 314 -5.02 -8.09 -12.97
CA SER A 314 -3.71 -8.63 -13.30
C SER A 314 -3.64 -10.13 -13.03
N GLY A 315 -2.59 -10.71 -13.59
CA GLY A 315 -2.30 -12.14 -13.50
C GLY A 315 -0.83 -12.40 -13.82
N ILE A 316 -0.47 -13.67 -13.86
CA ILE A 316 0.92 -14.09 -14.04
C ILE A 316 1.54 -13.49 -15.29
N ARG A 317 0.82 -13.59 -16.39
CA ARG A 317 1.27 -12.99 -17.67
C ARG A 317 0.28 -11.93 -18.19
N VAL A 318 -0.42 -11.26 -17.27
CA VAL A 318 -1.29 -10.13 -17.57
C VAL A 318 -0.79 -8.96 -16.71
N PRO A 319 -0.12 -7.97 -17.33
CA PRO A 319 0.24 -6.75 -16.61
C PRO A 319 -0.99 -6.08 -16.03
N VAL A 320 -0.81 -5.29 -14.98
CA VAL A 320 -1.86 -4.52 -14.32
C VAL A 320 -2.59 -3.68 -15.39
N THR A 321 -3.88 -3.95 -15.54
CA THR A 321 -4.71 -3.38 -16.59
C THR A 321 -5.98 -2.78 -15.97
N LEU A 322 -6.27 -1.55 -16.34
CA LEU A 322 -7.50 -0.89 -15.95
C LEU A 322 -8.60 -1.46 -16.85
N VAL A 323 -9.71 -1.92 -16.24
CA VAL A 323 -10.85 -2.49 -16.94
C VAL A 323 -12.19 -1.98 -16.38
N ASP A 324 -13.27 -2.09 -17.15
CA ASP A 324 -14.62 -1.76 -16.66
C ASP A 324 -15.18 -2.93 -15.85
N GLU A 325 -16.40 -2.83 -15.34
CA GLU A 325 -16.92 -3.94 -14.49
C GLU A 325 -17.28 -5.24 -15.26
N SER A 326 -17.17 -5.21 -16.59
CA SER A 326 -17.31 -6.41 -17.45
C SER A 326 -15.98 -6.92 -17.94
N LEU A 327 -14.90 -6.42 -17.34
CA LEU A 327 -13.53 -6.77 -17.71
C LEU A 327 -13.13 -6.27 -19.12
N GLY A 328 -13.86 -5.29 -19.66
CA GLY A 328 -13.45 -4.66 -20.92
C GLY A 328 -12.20 -3.84 -20.66
N GLU A 329 -11.14 -4.04 -21.48
CA GLU A 329 -9.83 -3.45 -21.25
C GLU A 329 -9.80 -1.97 -21.61
N LYS A 330 -9.47 -1.12 -20.65
CA LYS A 330 -9.39 0.34 -20.83
C LYS A 330 -7.93 0.75 -21.01
N TYR A 331 -7.01 0.21 -20.22
CA TYR A 331 -5.60 0.57 -20.35
C TYR A 331 -4.66 -0.48 -19.76
N LYS A 332 -3.73 -1.01 -20.57
CA LYS A 332 -2.74 -1.97 -20.14
C LYS A 332 -1.49 -1.22 -19.72
N SER A 333 -1.08 -1.32 -18.47
CA SER A 333 0.14 -0.64 -17.98
C SER A 333 1.37 -1.52 -18.16
N LYS A 334 2.52 -1.00 -17.74
CA LYS A 334 3.79 -1.72 -17.78
C LYS A 334 4.11 -2.43 -16.45
N ILE A 335 3.27 -2.28 -15.43
CA ILE A 335 3.48 -2.97 -14.15
C ILE A 335 3.14 -4.47 -14.33
N ALA A 336 4.17 -5.32 -14.30
CA ALA A 336 4.07 -6.75 -14.60
C ALA A 336 4.90 -7.50 -13.57
N GLY A 337 5.83 -8.36 -13.97
CA GLY A 337 6.64 -9.15 -13.01
C GLY A 337 5.85 -10.10 -12.11
N GLU A 338 4.70 -10.58 -12.62
CA GLU A 338 3.77 -11.47 -11.93
C GLU A 338 3.06 -10.82 -10.74
N ALA A 339 2.94 -9.48 -10.78
CA ALA A 339 2.17 -8.70 -9.81
C ALA A 339 0.71 -9.16 -9.92
N VAL A 340 0.20 -9.57 -8.77
CA VAL A 340 -1.18 -9.98 -8.61
C VAL A 340 -1.76 -9.22 -7.39
N ALA A 341 -3.04 -9.41 -7.15
CA ALA A 341 -3.80 -8.70 -6.12
C ALA A 341 -3.58 -7.15 -6.12
N PRO A 342 -3.77 -6.49 -7.27
CA PRO A 342 -3.51 -5.03 -7.42
C PRO A 342 -4.54 -4.15 -6.71
N LYS A 343 -4.11 -3.46 -5.64
CA LYS A 343 -5.00 -2.58 -4.89
C LYS A 343 -4.48 -1.14 -4.89
N VAL A 344 -5.36 -0.21 -5.19
CA VAL A 344 -5.02 1.22 -5.18
C VAL A 344 -5.30 1.78 -3.79
N VAL A 345 -4.28 2.40 -3.18
CA VAL A 345 -4.32 2.97 -1.84
C VAL A 345 -4.10 4.47 -1.91
N THR A 346 -5.04 5.26 -1.37
CA THR A 346 -4.87 6.71 -1.26
C THR A 346 -4.51 7.02 0.18
N PHE A 347 -3.41 7.75 0.37
CA PHE A 347 -2.87 8.03 1.69
C PHE A 347 -2.13 9.36 1.74
N ASN A 348 -2.59 10.24 2.64
CA ASN A 348 -1.97 11.55 2.88
C ASN A 348 -1.64 12.27 1.56
N GLU A 349 -2.66 12.32 0.70
CA GLU A 349 -2.61 13.02 -0.59
C GLU A 349 -1.72 12.39 -1.66
N GLU A 350 -1.29 11.16 -1.45
CA GLU A 350 -0.61 10.38 -2.50
C GLU A 350 -1.42 9.15 -2.83
N ARG A 351 -1.10 8.50 -3.94
CA ARG A 351 -1.82 7.34 -4.45
C ARG A 351 -0.79 6.29 -4.85
N TYR A 352 -0.94 5.10 -4.27
CA TYR A 352 -0.05 3.98 -4.49
C TYR A 352 -0.76 2.76 -5.06
N LEU A 353 0.00 1.91 -5.75
CA LEU A 353 -0.45 0.59 -6.17
C LEU A 353 0.31 -0.42 -5.29
N LEU A 354 -0.46 -1.23 -4.57
CA LEU A 354 0.03 -2.31 -3.72
C LEU A 354 -0.18 -3.60 -4.51
N VAL A 355 0.88 -4.38 -4.71
CA VAL A 355 0.78 -5.67 -5.38
C VAL A 355 1.60 -6.68 -4.64
N CYS A 356 1.35 -7.97 -4.90
CA CYS A 356 2.29 -9.00 -4.47
C CYS A 356 2.73 -9.77 -5.69
N THR A 357 4.03 -9.96 -5.88
CA THR A 357 4.46 -10.74 -7.06
C THR A 357 4.36 -12.24 -6.66
N ALA A 358 3.82 -13.08 -7.56
CA ALA A 358 3.40 -14.45 -7.23
C ALA A 358 4.49 -15.52 -7.27
N GLY A 359 5.20 -15.59 -8.40
CA GLY A 359 6.16 -16.68 -8.56
C GLY A 359 5.50 -18.01 -8.88
N GLN A 360 4.79 -18.06 -10.01
CA GLN A 360 4.04 -19.25 -10.45
C GLN A 360 4.89 -20.01 -11.42
N GLY A 361 5.28 -21.23 -11.04
CA GLY A 361 6.10 -22.11 -11.85
C GLY A 361 7.46 -22.17 -11.20
N ALA A 362 8.00 -23.38 -11.11
CA ALA A 362 9.30 -23.63 -10.52
C ALA A 362 10.40 -22.77 -11.12
N ALA A 363 10.27 -22.37 -12.39
CA ALA A 363 11.29 -21.56 -13.10
C ALA A 363 11.05 -20.06 -12.98
N SER A 364 9.97 -19.65 -12.33
CA SER A 364 9.68 -18.21 -12.24
C SER A 364 10.81 -17.38 -11.62
N LYS A 365 11.02 -16.21 -12.19
CA LYS A 365 12.01 -15.27 -11.70
C LYS A 365 11.30 -14.10 -11.03
N ALA A 366 10.03 -14.24 -10.63
CA ALA A 366 9.32 -13.16 -9.94
C ALA A 366 10.06 -12.81 -8.65
N SER A 367 10.01 -11.55 -8.24
CA SER A 367 10.62 -11.13 -6.95
C SER A 367 10.04 -11.84 -5.69
N ILE A 368 8.82 -12.37 -5.80
CA ILE A 368 8.06 -12.93 -4.66
C ILE A 368 8.06 -11.93 -3.50
N ALA A 369 7.36 -10.82 -3.71
CA ALA A 369 7.48 -9.68 -2.84
C ALA A 369 6.24 -8.80 -2.78
N LEU A 370 6.05 -8.14 -1.64
CA LEU A 370 5.11 -7.03 -1.54
C LEU A 370 5.82 -5.92 -2.30
N GLU A 371 5.14 -5.27 -3.24
CA GLU A 371 5.69 -4.12 -3.95
C GLU A 371 4.69 -2.98 -3.96
N VAL A 372 5.20 -1.76 -3.81
CA VAL A 372 4.41 -0.55 -3.86
C VAL A 372 4.95 0.32 -4.98
N TYR A 373 4.05 0.79 -5.84
CA TYR A 373 4.37 1.66 -6.94
C TYR A 373 3.73 3.01 -6.69
N ASP A 374 4.42 4.07 -7.08
CA ASP A 374 3.89 5.43 -6.91
C ASP A 374 3.01 5.82 -8.09
N LEU A 375 1.73 6.05 -7.82
CA LEU A 375 0.77 6.50 -8.86
C LEU A 375 0.15 7.87 -8.53
N THR A 376 0.91 8.71 -7.83
CA THR A 376 0.42 10.01 -7.37
C THR A 376 0.07 10.97 -8.51
N LYS A 377 1.01 11.18 -9.46
CA LYS A 377 0.80 12.13 -10.55
C LYS A 377 -0.30 11.57 -11.47
N GLY A 378 -1.27 12.42 -11.80
CA GLY A 378 -2.39 12.11 -12.70
C GLY A 378 -3.76 12.32 -12.03
N GLU A 379 -4.74 12.81 -12.79
CA GLU A 379 -6.08 13.10 -12.26
C GLU A 379 -6.81 11.81 -11.93
N THR A 380 -6.96 10.94 -12.92
CA THR A 380 -7.69 9.70 -12.79
C THR A 380 -6.69 8.54 -12.69
N ILE A 381 -7.18 7.35 -12.38
CA ILE A 381 -6.30 6.19 -12.30
C ILE A 381 -5.68 5.91 -13.69
N GLU A 382 -6.45 6.11 -14.77
CA GLU A 382 -5.93 5.94 -16.13
C GLU A 382 -4.79 6.93 -16.42
N ASP A 383 -4.98 8.19 -16.03
CA ASP A 383 -3.91 9.19 -16.16
C ASP A 383 -2.69 8.78 -15.36
N ALA A 384 -2.91 8.28 -14.14
CA ALA A 384 -1.80 7.89 -13.27
C ALA A 384 -1.00 6.73 -13.87
N LEU A 385 -1.69 5.73 -14.42
CA LEU A 385 -1.02 4.59 -15.07
C LEU A 385 -0.25 5.05 -16.32
N LYS A 386 -0.83 5.95 -17.12
CA LYS A 386 -0.15 6.53 -18.28
C LYS A 386 1.12 7.26 -17.86
N LYS A 387 1.01 8.10 -16.83
CA LYS A 387 2.16 8.91 -16.39
C LYS A 387 3.26 8.00 -15.85
N PHE A 388 2.90 6.94 -15.13
CA PHE A 388 3.87 5.95 -14.68
C PHE A 388 4.60 5.38 -15.90
N ASP A 389 3.84 4.84 -16.84
CA ASP A 389 4.41 4.22 -18.06
C ASP A 389 5.36 5.12 -18.81
N GLU A 390 4.98 6.40 -18.96
CA GLU A 390 5.77 7.41 -19.64
C GLU A 390 7.04 7.84 -18.91
N GLY A 391 7.10 7.74 -17.58
CA GLY A 391 8.30 8.14 -16.83
C GLY A 391 9.50 7.23 -17.09
N GLU A 392 10.67 7.67 -16.65
CA GLU A 392 11.92 6.94 -16.88
C GLU A 392 12.05 5.80 -15.86
N ASN A 393 11.59 6.00 -14.63
CA ASN A 393 11.73 5.01 -13.57
C ASN A 393 10.48 4.15 -13.36
N HIS A 394 10.59 2.83 -13.51
CA HIS A 394 9.45 1.94 -13.22
C HIS A 394 9.70 1.02 -12.04
N ASN A 395 10.62 1.38 -11.16
CA ASN A 395 10.88 0.56 -9.98
C ASN A 395 9.81 0.79 -8.93
N PRO A 396 9.50 -0.24 -8.13
CA PRO A 396 8.64 0.04 -6.98
C PRO A 396 9.31 1.06 -6.04
N ILE A 397 8.51 1.87 -5.34
CA ILE A 397 9.00 2.79 -4.32
C ILE A 397 9.27 2.03 -3.00
N TYR A 398 8.75 0.81 -2.84
CA TYR A 398 9.04 -0.02 -1.66
C TYR A 398 8.87 -1.49 -2.04
N GLN A 399 9.73 -2.35 -1.50
CA GLN A 399 9.67 -3.79 -1.74
C GLN A 399 10.01 -4.53 -0.47
N PHE A 400 9.24 -5.58 -0.17
CA PHE A 400 9.56 -6.48 0.90
C PHE A 400 9.49 -7.88 0.34
N LYS A 401 10.63 -8.53 0.23
CA LYS A 401 10.75 -9.86 -0.31
C LYS A 401 10.32 -10.90 0.72
N LEU A 402 9.38 -11.78 0.33
CA LEU A 402 8.81 -12.77 1.23
C LEU A 402 9.62 -14.07 1.25
N GLY A 403 10.61 -14.21 0.37
CA GLY A 403 11.40 -15.43 0.26
C GLY A 403 10.60 -16.54 -0.45
N GLY A 404 11.19 -17.71 -0.44
CA GLY A 404 10.61 -18.88 -1.06
C GLY A 404 11.04 -18.92 -2.52
N SER A 405 10.40 -19.78 -3.28
CA SER A 405 10.73 -19.90 -4.69
C SER A 405 9.46 -20.26 -5.46
N GLY A 406 9.59 -20.33 -6.77
CA GLY A 406 8.44 -20.60 -7.57
C GLY A 406 7.78 -21.93 -7.27
N ASN A 407 6.46 -21.96 -7.29
CA ASN A 407 5.71 -23.20 -7.10
C ASN A 407 4.48 -23.21 -8.01
N GLY A 408 3.78 -24.35 -8.02
CA GLY A 408 2.62 -24.52 -8.89
C GLY A 408 1.30 -23.97 -8.33
N ASN A 409 1.31 -23.33 -7.15
CA ASN A 409 0.07 -22.85 -6.53
C ASN A 409 0.35 -21.53 -5.79
N ALA A 410 0.85 -20.55 -6.54
CA ALA A 410 1.45 -19.34 -6.02
C ALA A 410 0.40 -18.23 -5.77
N LEU A 411 -0.67 -18.60 -5.08
CA LEU A 411 -1.72 -17.65 -4.76
C LEU A 411 -1.12 -16.63 -3.73
N ALA A 412 -1.39 -15.36 -4.02
CA ALA A 412 -0.90 -14.22 -3.23
C ALA A 412 -2.02 -13.23 -3.00
N GLN A 413 -2.00 -12.60 -1.82
CA GLN A 413 -3.01 -11.64 -1.42
C GLN A 413 -2.27 -10.37 -0.92
N THR A 414 -2.98 -9.28 -1.02
CA THR A 414 -2.59 -7.99 -0.46
C THR A 414 -3.77 -7.43 0.33
N ASP A 415 -3.46 -6.53 1.24
CA ASP A 415 -4.48 -5.81 2.01
C ASP A 415 -3.81 -4.60 2.63
N TYR A 416 -4.60 -3.65 3.10
CA TYR A 416 -4.02 -2.51 3.80
C TYR A 416 -4.99 -1.95 4.78
N TYR A 417 -4.46 -1.13 5.70
CA TYR A 417 -5.22 -0.44 6.71
C TYR A 417 -4.55 0.92 6.99
N ILE A 418 -5.37 1.96 7.06
CA ILE A 418 -4.92 3.33 7.35
C ILE A 418 -5.36 3.72 8.75
N GLU A 419 -4.40 4.07 9.59
CA GLU A 419 -4.69 4.59 10.93
C GLU A 419 -4.80 6.12 10.84
N LYS A 420 -5.88 6.69 11.40
CA LYS A 420 -6.05 8.15 11.46
C LYS A 420 -5.71 8.67 12.87
N ASP A 421 -5.31 9.94 12.98
CA ASP A 421 -5.06 10.54 14.29
C ASP A 421 -6.37 11.03 14.94
N GLU A 422 -6.27 11.60 16.14
CA GLU A 422 -7.43 12.19 16.84
C GLU A 422 -8.24 13.22 16.02
N ASN A 423 -7.60 13.88 15.04
CA ASN A 423 -8.25 14.86 14.17
C ASN A 423 -8.80 14.31 12.85
N GLY A 424 -8.83 12.99 12.67
CA GLY A 424 -9.31 12.36 11.43
C GLY A 424 -8.36 12.41 10.24
N LYS A 425 -7.14 12.88 10.46
CA LYS A 425 -6.11 12.95 9.42
C LYS A 425 -5.32 11.64 9.36
N ASP A 426 -4.93 11.24 8.15
CA ASP A 426 -4.14 10.01 7.98
C ASP A 426 -2.83 10.14 8.76
N ALA A 427 -2.46 9.06 9.45
CA ALA A 427 -1.26 9.03 10.31
C ALA A 427 -0.32 7.87 10.01
N LYS A 428 -0.87 6.67 9.79
CA LYS A 428 -0.06 5.47 9.58
CA LYS A 428 -0.05 5.48 9.56
C LYS A 428 -0.64 4.62 8.44
N LEU A 429 0.20 4.20 7.50
CA LEU A 429 -0.17 3.33 6.38
C LEU A 429 0.38 1.95 6.68
N CYS A 430 -0.50 0.97 6.75
CA CYS A 430 -0.15 -0.42 7.08
C CYS A 430 -0.47 -1.30 5.90
N LEU A 431 0.54 -1.97 5.36
CA LEU A 431 0.45 -2.78 4.15
C LEU A 431 0.71 -4.24 4.53
N PHE A 432 -0.03 -5.13 3.88
CA PHE A 432 0.06 -6.57 4.09
C PHE A 432 0.15 -7.25 2.75
N ALA A 433 0.96 -8.28 2.71
CA ALA A 433 1.03 -9.25 1.59
C ALA A 433 1.22 -10.65 2.20
N SER A 434 0.64 -11.63 1.51
CA SER A 434 0.79 -13.04 1.84
C SER A 434 0.98 -13.81 0.54
N ARG A 435 1.83 -14.82 0.56
CA ARG A 435 2.08 -15.63 -0.60
C ARG A 435 2.27 -17.08 -0.20
N THR A 436 1.58 -17.96 -0.93
CA THR A 436 1.59 -19.41 -0.65
C THR A 436 2.99 -20.02 -0.64
N GLN A 437 3.32 -20.69 0.45
CA GLN A 437 4.64 -21.33 0.69
C GLN A 437 5.78 -20.32 0.94
N SER A 438 5.46 -19.06 1.22
CA SER A 438 6.44 -18.07 1.65
C SER A 438 6.07 -17.41 2.97
N GLY A 439 4.78 -17.17 3.20
CA GLY A 439 4.34 -16.56 4.45
C GLY A 439 3.73 -15.17 4.21
N PHE A 440 3.70 -14.34 5.26
CA PHE A 440 3.08 -13.02 5.19
C PHE A 440 3.87 -11.97 5.95
N VAL A 441 3.60 -10.71 5.65
CA VAL A 441 4.28 -9.56 6.29
C VAL A 441 3.27 -8.42 6.48
N ILE A 442 3.45 -7.67 7.57
CA ILE A 442 2.78 -6.41 7.77
C ILE A 442 3.88 -5.33 7.83
N CYS A 443 3.80 -4.32 6.96
CA CYS A 443 4.76 -3.21 6.91
C CYS A 443 4.03 -1.92 7.17
N GLU A 444 4.42 -1.20 8.21
CA GLU A 444 3.77 0.05 8.62
C GLU A 444 4.71 1.23 8.39
N PHE A 445 4.12 2.33 7.95
CA PHE A 445 4.87 3.54 7.61
C PHE A 445 4.19 4.79 8.16
N PRO A 446 4.97 5.74 8.66
CA PRO A 446 4.39 7.02 9.09
C PRO A 446 4.15 7.98 7.90
N ILE A 447 3.40 9.04 8.11
CA ILE A 447 3.34 10.13 7.13
C ILE A 447 4.75 10.76 7.06
N LYS A 448 5.14 11.28 5.90
CA LYS A 448 6.34 12.08 5.76
C LYS A 448 6.22 13.33 6.64
N GLN A 449 7.35 13.78 7.15
CA GLN A 449 7.47 14.97 7.97
C GLN A 449 8.45 15.91 7.26
N GLU A 450 8.23 17.23 7.36
CA GLU A 450 9.08 18.21 6.70
C GLU A 450 10.53 18.04 7.12
N GLU A 451 11.43 17.97 6.11
CA GLU A 451 12.84 17.72 6.33
C GLU A 451 13.28 18.91 7.12
N ASP A 453 15.68 20.21 8.42
CA ASP A 453 17.12 20.20 8.22
C ASP A 453 17.56 21.66 8.26
#